data_7O4M
#
_entry.id   7O4M
#
_cell.length_a   59.225
_cell.length_b   60.705
_cell.length_c   63.128
_cell.angle_alpha   90.000
_cell.angle_beta   90.000
_cell.angle_gamma   90.000
#
_symmetry.space_group_name_H-M   'P 21 21 21'
#
loop_
_entity.id
_entity.type
_entity.pdbx_description
1 polymer 'tRNA (Adenine(22)-N(1))-methyltransferase'
2 non-polymer GLYCEROL
3 non-polymer 'CITRIC ACID'
4 water water
#
_entity_poly.entity_id   1
_entity_poly.type   'polypeptide(L)'
_entity_poly.pdbx_seq_one_letter_code
;GMISLNNRLTTVSRFLKQGTIADIGSDHAYLPIYAIQNHLCECGIAGEVIQGPFQAAVKNVAANQLVDRIDVRLGDGLSV
IQPEDVIDNITICGMGGPLIAKILKDGQDKLSQHPRLILQSNIQTENLRQTLQQLNYEIIDEIIMEEKGHIYEIVVAEYS
TELIELSSDELKFGPKLLNNKNEYFIKKWQRELEALYHIKSKLNTEQHHQRLAQINDEIAVIERVL
;
_entity_poly.pdbx_strand_id   A
#
# COMPACT_ATOMS: atom_id res chain seq x y z
N GLY A 1 23.83 10.81 9.43
CA GLY A 1 24.23 9.38 9.56
C GLY A 1 23.23 8.45 8.88
N MET A 2 23.18 7.18 9.31
CA MET A 2 22.16 6.21 8.85
C MET A 2 20.78 6.62 9.39
N ILE A 3 19.78 6.61 8.52
CA ILE A 3 18.36 6.82 8.87
C ILE A 3 17.82 5.51 9.45
N SER A 4 16.98 5.63 10.46
CA SER A 4 16.19 4.48 10.95
CA SER A 4 16.19 4.49 10.97
C SER A 4 14.71 4.71 10.67
N LEU A 5 14.10 3.76 10.00
CA LEU A 5 12.68 3.80 9.69
C LEU A 5 11.88 3.05 10.74
N ASN A 6 10.63 3.42 10.81
CA ASN A 6 9.63 2.63 11.58
C ASN A 6 9.55 1.22 11.01
N ASN A 7 8.91 0.32 11.77
CA ASN A 7 8.89 -1.10 11.38
C ASN A 7 8.00 -1.31 10.13
N ARG A 8 6.93 -0.54 9.99
CA ARG A 8 6.01 -0.55 8.81
C ARG A 8 6.84 -0.37 7.54
N LEU A 9 7.64 0.69 7.51
CA LEU A 9 8.42 0.98 6.28
C LEU A 9 9.66 0.12 6.17
N THR A 10 10.23 -0.30 7.27
CA THR A 10 11.33 -1.26 7.22
C THR A 10 10.82 -2.54 6.54
N THR A 11 9.63 -2.96 6.89
CA THR A 11 9.03 -4.17 6.32
C THR A 11 8.83 -3.98 4.80
N VAL A 12 8.29 -2.84 4.41
CA VAL A 12 8.20 -2.49 2.97
C VAL A 12 9.56 -2.65 2.30
N SER A 13 10.61 -2.16 2.95
CA SER A 13 11.93 -2.14 2.31
C SER A 13 12.42 -3.55 1.98
N ARG A 14 11.99 -4.56 2.73
CA ARG A 14 12.49 -5.93 2.50
C ARG A 14 11.95 -6.52 1.19
N PHE A 15 10.98 -5.87 0.57
CA PHE A 15 10.43 -6.33 -0.70
C PHE A 15 11.01 -5.58 -1.90
N LEU A 16 11.92 -4.66 -1.69
CA LEU A 16 12.52 -3.93 -2.82
C LEU A 16 13.46 -4.83 -3.62
N LYS A 17 13.27 -4.81 -4.93
CA LYS A 17 14.24 -5.36 -5.90
C LYS A 17 15.37 -4.34 -6.07
N GLN A 18 16.52 -4.82 -6.50
CA GLN A 18 17.65 -3.96 -6.87
CA GLN A 18 17.64 -3.92 -6.82
C GLN A 18 17.26 -3.01 -8.01
N GLY A 19 17.89 -1.85 -8.04
CA GLY A 19 17.69 -0.89 -9.11
C GLY A 19 17.18 0.41 -8.57
N THR A 20 16.03 0.86 -9.09
CA THR A 20 15.46 2.16 -8.73
C THR A 20 14.19 1.97 -7.95
N ILE A 21 14.05 2.78 -6.91
CA ILE A 21 12.78 2.92 -6.16
C ILE A 21 12.14 4.25 -6.49
N ALA A 22 10.87 4.23 -6.85
CA ALA A 22 10.06 5.45 -6.94
C ALA A 22 9.05 5.39 -5.79
N ASP A 23 9.21 6.30 -4.84
CA ASP A 23 8.35 6.40 -3.66
C ASP A 23 7.38 7.55 -3.87
N ILE A 24 6.11 7.17 -3.90
CA ILE A 24 5.03 8.09 -4.31
C ILE A 24 4.36 8.67 -3.07
N GLY A 25 4.21 9.98 -3.02
CA GLY A 25 3.74 10.61 -1.77
C GLY A 25 4.69 10.26 -0.65
N SER A 26 5.97 10.35 -0.92
CA SER A 26 7.01 9.87 0.00
C SER A 26 6.91 10.64 1.31
N ASP A 27 7.24 9.97 2.38
CA ASP A 27 7.40 10.66 3.70
C ASP A 27 8.81 11.23 3.79
N HIS A 28 8.96 12.39 3.15
CA HIS A 28 10.14 13.25 3.17
C HIS A 28 11.38 12.50 2.68
N ALA A 29 11.21 11.60 1.73
CA ALA A 29 12.27 10.84 1.03
C ALA A 29 13.01 9.87 1.94
N TYR A 30 12.52 9.59 3.15
CA TYR A 30 13.30 8.72 4.04
C TYR A 30 13.36 7.29 3.52
N LEU A 31 12.27 6.77 2.96
CA LEU A 31 12.34 5.38 2.45
C LEU A 31 13.40 5.26 1.32
N PRO A 32 13.40 6.13 0.29
CA PRO A 32 14.48 6.08 -0.70
C PRO A 32 15.88 6.28 -0.09
N ILE A 33 16.03 7.18 0.87
CA ILE A 33 17.34 7.39 1.53
C ILE A 33 17.77 6.06 2.18
N TYR A 34 16.87 5.47 2.97
CA TYR A 34 17.16 4.20 3.66
C TYR A 34 17.56 3.14 2.64
N ALA A 35 16.80 3.05 1.53
CA ALA A 35 17.04 1.98 0.54
C ALA A 35 18.45 2.11 -0.02
N ILE A 36 18.86 3.34 -0.30
CA ILE A 36 20.22 3.53 -0.86
C ILE A 36 21.30 3.32 0.21
N GLN A 37 21.09 3.84 1.43
CA GLN A 37 22.09 3.69 2.50
C GLN A 37 22.30 2.20 2.80
N ASN A 38 21.27 1.36 2.65
CA ASN A 38 21.34 -0.08 2.96
C ASN A 38 21.61 -0.93 1.73
N HIS A 39 21.88 -0.31 0.59
CA HIS A 39 22.27 -1.08 -0.61
C HIS A 39 21.12 -1.93 -1.16
N LEU A 40 19.88 -1.52 -0.91
CA LEU A 40 18.72 -2.25 -1.45
C LEU A 40 18.45 -1.77 -2.87
N CYS A 41 18.60 -0.48 -3.09
CA CYS A 41 18.43 0.17 -4.40
C CYS A 41 19.63 1.09 -4.63
N GLU A 42 19.85 1.41 -5.89
CA GLU A 42 20.98 2.21 -6.45
CA GLU A 42 21.02 2.29 -6.16
C GLU A 42 20.55 3.70 -6.50
N CYS A 43 19.31 3.92 -6.89
CA CYS A 43 18.79 5.25 -7.25
CA CYS A 43 18.83 5.29 -7.10
C CYS A 43 17.36 5.37 -6.74
N GLY A 44 16.89 6.59 -6.57
CA GLY A 44 15.52 6.84 -6.11
C GLY A 44 14.87 8.01 -6.80
N ILE A 45 13.56 7.96 -6.78
CA ILE A 45 12.68 9.09 -7.09
C ILE A 45 11.79 9.25 -5.88
N ALA A 46 11.66 10.46 -5.37
CA ALA A 46 10.76 10.76 -4.26
C ALA A 46 9.72 11.73 -4.77
N GLY A 47 8.48 11.26 -4.92
CA GLY A 47 7.39 12.14 -5.33
C GLY A 47 6.73 12.75 -4.13
N GLU A 48 6.52 14.06 -4.15
CA GLU A 48 5.99 14.77 -2.99
C GLU A 48 4.84 15.63 -3.51
N VAL A 49 3.70 15.59 -2.84
CA VAL A 49 2.46 16.10 -3.46
CA VAL A 49 2.43 16.09 -3.41
C VAL A 49 2.28 17.61 -3.22
N ILE A 50 2.85 18.14 -2.16
CA ILE A 50 2.72 19.57 -1.80
C ILE A 50 4.10 20.08 -1.34
N GLN A 51 4.19 21.39 -1.19
CA GLN A 51 5.47 22.07 -1.02
C GLN A 51 6.17 21.62 0.25
N GLY A 52 5.47 21.48 1.37
CA GLY A 52 6.18 21.19 2.64
C GLY A 52 6.99 19.90 2.53
N PRO A 53 6.35 18.75 2.22
CA PRO A 53 7.08 17.49 2.06
C PRO A 53 8.12 17.60 0.95
N PHE A 54 7.83 18.36 -0.11
CA PHE A 54 8.81 18.52 -1.22
C PHE A 54 10.09 19.18 -0.67
N GLN A 55 9.94 20.30 0.03
CA GLN A 55 11.10 21.05 0.53
CA GLN A 55 11.15 21.02 0.46
C GLN A 55 11.86 20.21 1.56
N ALA A 56 11.13 19.50 2.39
CA ALA A 56 11.75 18.63 3.42
C ALA A 56 12.56 17.53 2.74
N ALA A 57 11.99 16.89 1.73
CA ALA A 57 12.68 15.81 0.99
C ALA A 57 13.96 16.37 0.36
N VAL A 58 13.88 17.52 -0.28
CA VAL A 58 15.08 18.12 -0.90
C VAL A 58 16.17 18.30 0.18
N LYS A 59 15.82 18.86 1.33
CA LYS A 59 16.80 19.06 2.42
C LYS A 59 17.34 17.74 2.96
N ASN A 60 16.49 16.72 3.05
CA ASN A 60 16.91 15.43 3.65
C ASN A 60 17.87 14.73 2.69
N VAL A 61 17.57 14.79 1.41
CA VAL A 61 18.46 14.16 0.40
C VAL A 61 19.83 14.83 0.47
N ALA A 62 19.85 16.16 0.51
CA ALA A 62 21.12 16.92 0.59
C ALA A 62 21.85 16.58 1.88
N ALA A 63 21.13 16.51 3.01
CA ALA A 63 21.75 16.25 4.33
C ALA A 63 22.41 14.87 4.39
N ASN A 64 21.95 13.96 3.57
CA ASN A 64 22.44 12.58 3.49
C ASN A 64 23.37 12.39 2.29
N GLN A 65 23.73 13.47 1.61
CA GLN A 65 24.75 13.41 0.54
C GLN A 65 24.30 12.50 -0.61
N LEU A 66 23.01 12.59 -0.97
CA LEU A 66 22.43 11.71 -2.03
C LEU A 66 21.80 12.54 -3.15
N VAL A 67 22.25 13.77 -3.33
CA VAL A 67 21.66 14.66 -4.36
C VAL A 67 21.81 14.04 -5.75
N ASP A 68 22.86 13.30 -6.04
CA ASP A 68 23.06 12.71 -7.37
C ASP A 68 22.34 11.37 -7.50
N ARG A 69 21.70 10.87 -6.43
CA ARG A 69 21.10 9.52 -6.48
C ARG A 69 19.60 9.53 -6.24
N ILE A 70 19.04 10.56 -5.63
CA ILE A 70 17.57 10.62 -5.40
C ILE A 70 17.05 11.90 -6.01
N ASP A 71 16.14 11.75 -6.94
CA ASP A 71 15.51 12.88 -7.63
C ASP A 71 14.20 13.18 -6.94
N VAL A 72 14.09 14.34 -6.36
CA VAL A 72 12.89 14.76 -5.60
C VAL A 72 12.01 15.56 -6.55
N ARG A 73 10.75 15.16 -6.65
CA ARG A 73 9.82 15.72 -7.66
C ARG A 73 8.53 16.16 -6.99
N LEU A 74 8.00 17.26 -7.43
CA LEU A 74 6.70 17.80 -6.96
C LEU A 74 5.61 17.31 -7.88
N GLY A 75 4.64 16.59 -7.34
CA GLY A 75 3.47 16.20 -8.11
C GLY A 75 2.65 15.17 -7.39
N ASP A 76 1.41 15.08 -7.80
CA ASP A 76 0.44 14.19 -7.18
C ASP A 76 0.51 12.79 -7.79
N GLY A 77 0.51 11.79 -6.95
CA GLY A 77 0.44 10.42 -7.45
C GLY A 77 1.54 10.11 -8.43
N LEU A 78 1.21 9.37 -9.49
CA LEU A 78 2.18 8.94 -10.49
C LEU A 78 2.44 10.04 -11.52
N SER A 79 1.91 11.24 -11.35
CA SER A 79 2.18 12.36 -12.29
CA SER A 79 2.18 12.38 -12.25
C SER A 79 3.68 12.65 -12.34
N VAL A 80 4.40 12.31 -11.27
CA VAL A 80 5.85 12.60 -11.22
C VAL A 80 6.64 11.70 -12.19
N ILE A 81 6.10 10.58 -12.63
CA ILE A 81 6.85 9.62 -13.48
C ILE A 81 7.02 10.19 -14.89
N GLN A 82 8.26 10.19 -15.35
CA GLN A 82 8.68 10.74 -16.63
C GLN A 82 8.97 9.62 -17.60
N PRO A 83 8.84 9.83 -18.92
CA PRO A 83 8.93 8.72 -19.88
C PRO A 83 10.28 8.00 -19.86
N GLU A 84 11.35 8.73 -19.53
CA GLU A 84 12.72 8.16 -19.60
CA GLU A 84 12.74 8.21 -19.57
C GLU A 84 13.07 7.41 -18.29
N ASP A 85 12.20 7.46 -17.27
CA ASP A 85 12.54 6.82 -16.00
C ASP A 85 12.67 5.31 -16.19
N VAL A 86 13.64 4.70 -15.52
CA VAL A 86 13.74 3.24 -15.37
C VAL A 86 13.45 2.91 -13.90
N ILE A 87 12.30 2.28 -13.67
CA ILE A 87 11.76 2.12 -12.29
C ILE A 87 11.57 0.64 -12.07
N ASP A 88 12.22 0.08 -11.05
CA ASP A 88 12.10 -1.35 -10.72
C ASP A 88 11.06 -1.55 -9.63
N ASN A 89 10.83 -0.55 -8.79
CA ASN A 89 9.88 -0.65 -7.67
C ASN A 89 9.11 0.66 -7.58
N ILE A 90 7.79 0.59 -7.44
CA ILE A 90 7.01 1.75 -6.99
C ILE A 90 6.49 1.42 -5.60
N THR A 91 6.75 2.29 -4.65
CA THR A 91 6.26 2.16 -3.29
C THR A 91 5.21 3.24 -3.06
N ILE A 92 4.08 2.85 -2.47
CA ILE A 92 3.01 3.81 -2.12
C ILE A 92 2.56 3.43 -0.73
N CYS A 93 2.91 4.27 0.25
CA CYS A 93 2.79 3.86 1.67
C CYS A 93 2.10 4.98 2.47
N GLY A 94 1.60 4.60 3.64
CA GLY A 94 1.06 5.59 4.55
C GLY A 94 -0.23 6.22 4.08
N MET A 95 -1.02 5.46 3.31
CA MET A 95 -2.25 5.99 2.71
C MET A 95 -3.34 4.93 2.89
N GLY A 96 -4.59 5.35 2.79
CA GLY A 96 -5.71 4.42 2.68
C GLY A 96 -5.66 3.65 1.39
N GLY A 97 -6.27 2.47 1.43
CA GLY A 97 -6.41 1.64 0.22
C GLY A 97 -7.10 2.40 -0.90
N PRO A 98 -8.21 3.12 -0.63
CA PRO A 98 -8.88 3.81 -1.71
C PRO A 98 -8.03 4.88 -2.41
N LEU A 99 -7.20 5.56 -1.67
CA LEU A 99 -6.28 6.55 -2.29
C LEU A 99 -5.21 5.83 -3.11
N ILE A 100 -4.61 4.75 -2.57
CA ILE A 100 -3.57 4.05 -3.34
C ILE A 100 -4.21 3.58 -4.64
N ALA A 101 -5.42 3.03 -4.56
CA ALA A 101 -6.16 2.55 -5.75
C ALA A 101 -6.31 3.68 -6.77
N LYS A 102 -6.76 4.84 -6.31
CA LYS A 102 -6.98 5.99 -7.21
C LYS A 102 -5.64 6.38 -7.85
N ILE A 103 -4.56 6.42 -7.10
CA ILE A 103 -3.25 6.81 -7.65
C ILE A 103 -2.90 5.83 -8.78
N LEU A 104 -3.04 4.54 -8.53
CA LEU A 104 -2.66 3.54 -9.55
C LEU A 104 -3.57 3.62 -10.77
N LYS A 105 -4.88 3.71 -10.56
CA LYS A 105 -5.82 3.74 -11.71
C LYS A 105 -5.65 5.04 -12.51
N ASP A 106 -5.62 6.18 -11.83
CA ASP A 106 -5.46 7.47 -12.52
C ASP A 106 -4.11 7.50 -13.24
N GLY A 107 -3.10 6.87 -12.66
CA GLY A 107 -1.74 6.86 -13.19
C GLY A 107 -1.40 5.62 -14.00
N GLN A 108 -2.39 4.87 -14.47
CA GLN A 108 -2.10 3.54 -15.03
C GLN A 108 -1.16 3.60 -16.22
N ASP A 109 -1.22 4.69 -16.98
CA ASP A 109 -0.36 4.84 -18.18
C ASP A 109 1.12 4.94 -17.82
N LYS A 110 1.43 5.19 -16.57
CA LYS A 110 2.84 5.30 -16.11
C LYS A 110 3.43 3.94 -15.73
N LEU A 111 2.67 2.85 -15.88
CA LEU A 111 3.10 1.50 -15.41
C LEU A 111 3.61 0.63 -16.56
N SER A 112 3.94 1.20 -17.70
CA SER A 112 4.28 0.42 -18.91
C SER A 112 5.50 -0.48 -18.72
N GLN A 113 6.44 -0.13 -17.85
CA GLN A 113 7.62 -1.02 -17.70
CA GLN A 113 7.68 -0.91 -17.57
C GLN A 113 7.38 -2.09 -16.64
N HIS A 114 6.17 -2.15 -16.12
CA HIS A 114 5.75 -3.28 -15.24
C HIS A 114 6.60 -3.38 -13.99
N PRO A 115 6.80 -2.28 -13.24
CA PRO A 115 7.54 -2.36 -12.00
C PRO A 115 6.87 -3.24 -10.95
N ARG A 116 7.65 -3.75 -10.03
CA ARG A 116 7.07 -4.30 -8.79
C ARG A 116 6.37 -3.14 -8.06
N LEU A 117 5.20 -3.44 -7.50
CA LEU A 117 4.48 -2.50 -6.64
C LEU A 117 4.52 -3.01 -5.21
N ILE A 118 4.89 -2.11 -4.30
CA ILE A 118 4.87 -2.41 -2.84
CA ILE A 118 4.86 -2.43 -2.85
C ILE A 118 4.01 -1.36 -2.19
N LEU A 119 2.81 -1.78 -1.81
CA LEU A 119 1.76 -0.85 -1.34
CA LEU A 119 1.79 -0.83 -1.33
C LEU A 119 1.57 -1.08 0.15
N GLN A 120 1.55 -0.02 0.94
CA GLN A 120 1.27 -0.18 2.37
C GLN A 120 0.04 0.64 2.69
N SER A 121 -1.05 -0.09 2.97
CA SER A 121 -2.38 0.45 3.20
C SER A 121 -2.71 0.54 4.67
N ASN A 122 -3.31 1.66 5.03
CA ASN A 122 -3.72 1.93 6.41
C ASN A 122 -5.14 1.42 6.69
N ILE A 123 -5.97 1.25 5.67
CA ILE A 123 -7.41 0.97 5.84
C ILE A 123 -7.94 0.54 4.48
N GLN A 124 -8.99 -0.25 4.51
CA GLN A 124 -9.83 -0.56 3.33
C GLN A 124 -8.95 -0.95 2.14
N THR A 125 -8.16 -1.98 2.35
CA THR A 125 -7.23 -2.45 1.32
C THR A 125 -7.98 -3.11 0.15
N GLU A 126 -9.23 -3.53 0.34
CA GLU A 126 -10.01 -4.12 -0.75
CA GLU A 126 -10.09 -4.09 -0.73
C GLU A 126 -9.97 -3.25 -2.01
N ASN A 127 -10.10 -1.94 -1.90
CA ASN A 127 -10.17 -1.10 -3.12
C ASN A 127 -8.88 -1.26 -3.92
N LEU A 128 -7.75 -1.28 -3.24
CA LEU A 128 -6.47 -1.44 -3.95
CA LEU A 128 -6.42 -1.51 -3.83
C LEU A 128 -6.39 -2.82 -4.61
N ARG A 129 -6.87 -3.89 -3.97
CA ARG A 129 -6.82 -5.20 -4.65
C ARG A 129 -7.69 -5.18 -5.90
N GLN A 130 -8.84 -4.52 -5.84
CA GLN A 130 -9.72 -4.45 -7.04
CA GLN A 130 -9.73 -4.41 -7.03
C GLN A 130 -8.97 -3.73 -8.17
N THR A 131 -8.29 -2.65 -7.87
CA THR A 131 -7.54 -1.90 -8.86
C THR A 131 -6.36 -2.72 -9.39
N LEU A 132 -5.59 -3.36 -8.52
CA LEU A 132 -4.48 -4.21 -8.98
C LEU A 132 -4.99 -5.23 -10.00
N GLN A 133 -6.13 -5.86 -9.68
CA GLN A 133 -6.70 -6.86 -10.60
CA GLN A 133 -6.77 -6.85 -10.58
C GLN A 133 -6.98 -6.21 -11.96
N GLN A 134 -7.58 -5.03 -11.99
CA GLN A 134 -7.94 -4.34 -13.23
C GLN A 134 -6.69 -4.02 -14.05
N LEU A 135 -5.54 -3.82 -13.42
CA LEU A 135 -4.28 -3.40 -14.06
C LEU A 135 -3.37 -4.56 -14.40
N ASN A 136 -3.90 -5.79 -14.42
CA ASN A 136 -3.07 -6.97 -14.73
C ASN A 136 -1.94 -7.16 -13.73
N TYR A 137 -2.15 -6.70 -12.51
CA TYR A 137 -1.21 -7.01 -11.41
C TYR A 137 -1.72 -8.21 -10.62
N GLU A 138 -0.75 -8.93 -10.06
CA GLU A 138 -0.94 -10.17 -9.30
C GLU A 138 -0.25 -10.02 -7.96
N ILE A 139 -0.98 -10.28 -6.91
CA ILE A 139 -0.41 -10.24 -5.55
C ILE A 139 0.49 -11.42 -5.31
N ILE A 140 1.76 -11.11 -5.00
CA ILE A 140 2.81 -12.15 -4.82
C ILE A 140 3.18 -12.31 -3.34
N ASP A 141 2.85 -11.35 -2.48
CA ASP A 141 3.19 -11.41 -1.03
CA ASP A 141 3.10 -11.50 -1.03
CA ASP A 141 3.14 -11.47 -1.03
C ASP A 141 2.25 -10.46 -0.32
N GLU A 142 1.86 -10.77 0.90
CA GLU A 142 1.20 -9.80 1.78
C GLU A 142 1.66 -9.98 3.20
N ILE A 143 1.75 -8.87 3.91
CA ILE A 143 2.07 -8.84 5.36
CA ILE A 143 2.04 -8.89 5.36
C ILE A 143 0.95 -8.09 6.06
N ILE A 144 0.56 -8.58 7.22
CA ILE A 144 -0.26 -7.79 8.16
C ILE A 144 0.51 -7.75 9.47
N MET A 145 0.63 -6.56 10.02
CA MET A 145 1.52 -6.32 11.18
CA MET A 145 1.50 -6.33 11.18
C MET A 145 0.99 -5.15 11.99
N GLU A 146 1.55 -5.01 13.16
CA GLU A 146 1.06 -4.01 14.14
C GLU A 146 2.23 -3.14 14.54
N GLU A 147 1.96 -1.86 14.64
CA GLU A 147 2.95 -0.92 15.19
C GLU A 147 2.21 0.15 15.96
N LYS A 148 2.67 0.37 17.19
CA LYS A 148 2.05 1.30 18.14
C LYS A 148 0.57 0.93 18.29
N GLY A 149 0.22 -0.37 18.30
CA GLY A 149 -1.20 -0.77 18.43
C GLY A 149 -2.08 -0.60 17.17
N HIS A 150 -1.62 -0.03 16.04
CA HIS A 150 -2.37 0.07 14.75
C HIS A 150 -1.92 -1.05 13.82
N ILE A 151 -2.88 -1.56 13.05
CA ILE A 151 -2.64 -2.69 12.13
C ILE A 151 -2.51 -2.15 10.71
N TYR A 152 -1.45 -2.58 10.04
CA TYR A 152 -1.12 -2.13 8.68
C TYR A 152 -1.02 -3.36 7.78
N GLU A 153 -1.33 -3.16 6.51
CA GLU A 153 -1.17 -4.22 5.49
C GLU A 153 -0.18 -3.76 4.44
N ILE A 154 0.65 -4.69 4.03
CA ILE A 154 1.62 -4.50 2.92
CA ILE A 154 1.59 -4.46 2.90
C ILE A 154 1.23 -5.50 1.84
N VAL A 155 1.01 -5.01 0.64
CA VAL A 155 0.66 -5.80 -0.52
C VAL A 155 1.77 -5.64 -1.55
N VAL A 156 2.32 -6.76 -1.98
CA VAL A 156 3.40 -6.78 -2.99
C VAL A 156 2.82 -7.41 -4.25
N ALA A 157 2.96 -6.72 -5.38
CA ALA A 157 2.34 -7.18 -6.60
C ALA A 157 3.27 -7.04 -7.80
N GLU A 158 3.14 -7.95 -8.73
CA GLU A 158 3.91 -7.87 -9.98
CA GLU A 158 3.93 -7.97 -9.98
C GLU A 158 2.98 -8.07 -11.16
N TYR A 159 3.42 -7.59 -12.29
CA TYR A 159 2.61 -7.64 -13.52
C TYR A 159 2.48 -9.07 -14.03
N SER A 160 1.30 -9.38 -14.51
CA SER A 160 0.94 -10.67 -15.12
C SER A 160 0.47 -10.42 -16.56
N THR A 161 0.86 -11.29 -17.46
CA THR A 161 0.41 -11.20 -18.87
C THR A 161 -1.06 -11.62 -19.03
N GLU A 162 -1.70 -12.11 -18.00
CA GLU A 162 -3.16 -12.30 -17.98
C GLU A 162 -3.71 -11.74 -16.67
N LEU A 163 -4.87 -11.14 -16.76
CA LEU A 163 -5.54 -10.62 -15.56
C LEU A 163 -5.81 -11.78 -14.61
N ILE A 164 -5.56 -11.53 -13.34
CA ILE A 164 -5.78 -12.53 -12.27
C ILE A 164 -7.03 -12.16 -11.49
N GLU A 165 -8.07 -12.98 -11.64
CA GLU A 165 -9.35 -12.68 -11.00
C GLU A 165 -9.30 -13.15 -9.53
N LEU A 166 -9.68 -12.27 -8.61
CA LEU A 166 -9.81 -12.60 -7.17
C LEU A 166 -11.28 -12.69 -6.77
N SER A 167 -11.55 -13.58 -5.85
CA SER A 167 -12.90 -13.74 -5.27
C SER A 167 -13.22 -12.53 -4.38
N SER A 168 -14.48 -12.43 -3.98
CA SER A 168 -14.87 -11.37 -3.05
C SER A 168 -14.08 -11.46 -1.74
N ASP A 169 -13.88 -12.65 -1.20
CA ASP A 169 -13.11 -12.79 0.05
C ASP A 169 -11.65 -12.44 -0.22
N GLU A 170 -11.08 -12.88 -1.33
CA GLU A 170 -9.66 -12.57 -1.62
C GLU A 170 -9.47 -11.06 -1.78
N LEU A 171 -10.40 -10.37 -2.41
CA LEU A 171 -10.31 -8.91 -2.54
C LEU A 171 -10.34 -8.27 -1.16
N LYS A 172 -11.28 -8.67 -0.29
CA LYS A 172 -11.48 -8.01 0.99
C LYS A 172 -10.36 -8.32 1.99
N PHE A 173 -9.96 -9.58 2.07
CA PHE A 173 -9.09 -10.08 3.14
C PHE A 173 -7.66 -10.30 2.68
N GLY A 174 -7.46 -10.51 1.39
CA GLY A 174 -6.13 -10.76 0.82
C GLY A 174 -5.91 -12.20 0.47
N PRO A 175 -5.48 -12.51 -0.78
CA PRO A 175 -5.32 -13.89 -1.21
C PRO A 175 -4.19 -14.61 -0.49
N LYS A 176 -3.21 -13.86 0.01
CA LYS A 176 -2.13 -14.44 0.84
C LYS A 176 -2.53 -14.40 2.30
N LEU A 177 -3.06 -13.27 2.76
CA LEU A 177 -3.37 -13.14 4.20
C LEU A 177 -4.39 -14.20 4.61
N LEU A 178 -5.37 -14.52 3.77
CA LEU A 178 -6.36 -15.61 4.04
CA LEU A 178 -6.39 -15.55 4.14
C LEU A 178 -5.69 -16.93 4.31
N ASN A 179 -4.53 -17.17 3.71
CA ASN A 179 -3.84 -18.49 3.77
C ASN A 179 -3.27 -18.63 5.16
N ASN A 180 -3.07 -17.53 5.92
N ASN A 180 -2.98 -17.47 5.78
CA ASN A 180 -2.32 -17.53 7.20
CA ASN A 180 -2.01 -17.33 6.87
C ASN A 180 -3.21 -17.16 8.39
C ASN A 180 -2.62 -16.39 7.91
N LYS A 181 -4.01 -16.12 8.28
N LYS A 181 -3.76 -16.77 8.51
CA LYS A 181 -4.86 -15.58 9.39
CA LYS A 181 -4.63 -15.87 9.33
C LYS A 181 -4.05 -15.57 10.70
C LYS A 181 -3.98 -15.64 10.70
N ASN A 182 -2.97 -14.76 10.73
CA ASN A 182 -2.12 -14.52 11.93
C ASN A 182 -2.86 -13.67 12.97
N GLU A 183 -2.24 -13.50 14.13
CA GLU A 183 -2.89 -12.84 15.30
C GLU A 183 -3.33 -11.43 14.91
N TYR A 184 -2.63 -10.82 13.95
CA TYR A 184 -2.92 -9.44 13.53
C TYR A 184 -4.08 -9.44 12.54
N PHE A 185 -4.20 -10.46 11.71
CA PHE A 185 -5.40 -10.66 10.86
C PHE A 185 -6.64 -10.74 11.76
N ILE A 186 -6.59 -11.61 12.75
CA ILE A 186 -7.75 -11.80 13.65
CA ILE A 186 -7.75 -11.80 13.66
C ILE A 186 -8.03 -10.48 14.38
N LYS A 187 -7.00 -9.84 14.93
CA LYS A 187 -7.24 -8.57 15.67
C LYS A 187 -7.85 -7.54 14.72
N LYS A 188 -7.33 -7.39 13.50
CA LYS A 188 -7.84 -6.38 12.57
C LYS A 188 -9.35 -6.63 12.37
N TRP A 189 -9.71 -7.84 12.02
CA TRP A 189 -11.10 -8.10 11.58
C TRP A 189 -12.04 -8.15 12.76
N GLN A 190 -11.56 -8.53 13.96
CA GLN A 190 -12.36 -8.36 15.21
C GLN A 190 -12.63 -6.85 15.39
N ARG A 191 -11.60 -6.01 15.25
CA ARG A 191 -11.78 -4.56 15.42
C ARG A 191 -12.80 -4.05 14.40
N GLU A 192 -12.70 -4.50 13.15
CA GLU A 192 -13.63 -4.02 12.11
CA GLU A 192 -13.63 -4.01 12.10
C GLU A 192 -15.05 -4.48 12.44
N LEU A 193 -15.21 -5.70 12.95
CA LEU A 193 -16.57 -6.15 13.38
CA LEU A 193 -16.55 -6.17 13.38
C LEU A 193 -17.09 -5.22 14.46
N GLU A 194 -16.27 -4.92 15.46
CA GLU A 194 -16.70 -4.04 16.55
C GLU A 194 -17.15 -2.70 15.96
N ALA A 195 -16.43 -2.18 14.99
CA ALA A 195 -16.79 -0.88 14.37
C ALA A 195 -18.14 -0.99 13.64
N LEU A 196 -18.40 -2.10 12.96
CA LEU A 196 -19.66 -2.24 12.22
C LEU A 196 -20.84 -2.40 13.18
N TYR A 197 -20.66 -3.19 14.24
CA TYR A 197 -21.72 -3.29 15.26
C TYR A 197 -21.90 -1.92 15.93
N HIS A 198 -20.81 -1.17 16.10
CA HIS A 198 -20.94 0.16 16.73
C HIS A 198 -21.78 1.06 15.84
N ILE A 199 -21.59 1.05 14.53
CA ILE A 199 -22.45 1.84 13.60
CA ILE A 199 -22.47 1.93 13.71
C ILE A 199 -23.93 1.46 13.79
N LYS A 200 -24.22 0.20 14.02
CA LYS A 200 -25.60 -0.26 14.23
C LYS A 200 -26.19 0.31 15.53
N SER A 201 -25.36 0.70 16.49
CA SER A 201 -25.81 1.36 17.71
C SER A 201 -26.27 2.79 17.45
N LYS A 202 -25.96 3.33 16.26
CA LYS A 202 -26.13 4.76 15.99
C LYS A 202 -27.23 4.95 14.94
N LEU A 203 -27.61 3.92 14.19
CA LEU A 203 -28.57 4.02 13.06
C LEU A 203 -29.90 3.34 13.36
N ASN A 204 -31.01 4.07 13.30
CA ASN A 204 -32.35 3.51 13.55
C ASN A 204 -32.71 2.61 12.37
N THR A 205 -33.16 1.40 12.64
CA THR A 205 -33.50 0.42 11.60
C THR A 205 -34.68 0.90 10.76
N GLU A 206 -35.58 1.75 11.29
CA GLU A 206 -36.74 2.22 10.48
C GLU A 206 -36.24 3.21 9.42
N GLN A 207 -35.11 3.89 9.66
CA GLN A 207 -34.66 5.09 8.90
C GLN A 207 -33.46 4.75 7.96
N HIS A 208 -32.78 3.60 8.16
CA HIS A 208 -31.51 3.29 7.44
C HIS A 208 -31.52 1.86 6.85
N HIS A 209 -32.64 1.43 6.24
CA HIS A 209 -32.82 0.04 5.71
C HIS A 209 -31.69 -0.32 4.73
N GLN A 210 -31.42 0.54 3.75
CA GLN A 210 -30.45 0.25 2.65
C GLN A 210 -29.06 0.15 3.25
N ARG A 211 -28.70 1.13 4.07
CA ARG A 211 -27.34 1.22 4.62
C ARG A 211 -27.11 0.03 5.57
N LEU A 212 -28.09 -0.27 6.41
CA LEU A 212 -27.95 -1.37 7.39
C LEU A 212 -27.90 -2.73 6.67
N ALA A 213 -28.55 -2.87 5.51
CA ALA A 213 -28.49 -4.14 4.76
C ALA A 213 -27.02 -4.34 4.34
N GLN A 214 -26.36 -3.27 3.87
CA GLN A 214 -24.95 -3.33 3.44
C GLN A 214 -24.09 -3.71 4.66
N ILE A 215 -24.31 -3.06 5.78
CA ILE A 215 -23.48 -3.30 7.00
C ILE A 215 -23.67 -4.75 7.45
N ASN A 216 -24.92 -5.21 7.44
CA ASN A 216 -25.19 -6.59 7.93
C ASN A 216 -24.55 -7.61 6.99
N ASP A 217 -24.57 -7.38 5.68
CA ASP A 217 -23.90 -8.27 4.72
C ASP A 217 -22.40 -8.31 5.01
N GLU A 218 -21.79 -7.17 5.27
CA GLU A 218 -20.34 -7.11 5.54
C GLU A 218 -20.01 -7.84 6.86
N ILE A 219 -20.80 -7.61 7.90
CA ILE A 219 -20.61 -8.35 9.18
C ILE A 219 -20.65 -9.86 8.87
N ALA A 220 -21.65 -10.32 8.13
CA ALA A 220 -21.78 -11.77 7.85
C ALA A 220 -20.55 -12.29 7.10
N VAL A 221 -20.01 -11.49 6.17
CA VAL A 221 -18.77 -11.87 5.44
C VAL A 221 -17.63 -12.07 6.44
N ILE A 222 -17.47 -11.09 7.33
CA ILE A 222 -16.33 -11.16 8.28
C ILE A 222 -16.55 -12.28 9.28
N GLU A 223 -17.78 -12.43 9.79
CA GLU A 223 -18.02 -13.48 10.81
C GLU A 223 -17.78 -14.87 10.20
N ARG A 224 -18.01 -15.05 8.90
CA ARG A 224 -17.79 -16.38 8.26
CA ARG A 224 -17.79 -16.35 8.21
C ARG A 224 -16.28 -16.67 8.20
N VAL A 225 -15.44 -15.67 7.98
CA VAL A 225 -14.00 -15.90 7.76
CA VAL A 225 -14.00 -15.92 7.77
C VAL A 225 -13.27 -16.05 9.11
N LEU A 226 -13.78 -15.45 10.18
CA LEU A 226 -13.21 -15.58 11.55
C LEU A 226 -13.68 -16.89 12.19
#